data_9IM0
#
_entry.id   9IM0
#
_cell.length_a   1.00
_cell.length_b   1.00
_cell.length_c   1.00
_cell.angle_alpha   90.00
_cell.angle_beta   90.00
_cell.angle_gamma   90.00
#
_symmetry.space_group_name_H-M   'P 1'
#
loop_
_entity.id
_entity.type
_entity.pdbx_description
1 polymer 'Primase D5'
2 non-polymer 'ZINC ION'
3 non-polymer "ADENOSINE-5'-TRIPHOSPHATE"
#
_entity_poly.entity_id   1
_entity_poly.type   'polypeptide(L)'
_entity_poly.pdbx_seq_one_letter_code
;MDAAIRGNDVIFVLKTIGVPSACRQNEDPRFVEAFKCDELERYIDNNPECTLFESLRDEEAYSIVRIFMDVDLDACLDEI
DYLTAIQDFIIEVSNCVARFAFTECGAIHENVIKSMRSNFSLTKSTNRDKTSFHIIFLDTYTTMDTLIAMKRTLLELSRS
SENPLTRSIDTAVYRRKTTLRVVGTRKNPNCDTIHVMQPPHDNIEDYLFTYVDMNNNSYYFSLQRRLEDLVPDKLWEPGF
ISFEDAIKRVSKIFINSIINFNDLDENNFTTVPLVIDYVTPCALCKKRSHKHPHQLSLENGAIRIYKTGNPHSCKVKIVP
LDGNKLFNIAQRILDTNSVLLTERGDHIVWINNSWKFNSEEPLITKLILSIRHQLPKEYSSELLCPRKRKTVEANIRDML
VDSVETDTYPDKLPFKNGVLDLVDGMFYSGDDAKKYTCTVSTGFKFDDTKFVEDSPEMEELMNIINDIQPLTDENKKNRE
LYEKTLSSCLCGATKGCLTFFFGETATGKSTTKRLLKSAIGDLFVETGQTILTDVLDKGPNPFIANMHLKRSVFCSELPD
FACSGSKKIRSDNIKKLTEPCVIGRPCFSNKINNRNHATIIIDTNYKPVFDRIDNALMRRIAVVRFRTHFSQPSGREAAE
NNDAYDKVKLLDEGLDGKIQNNRYRFAFLYLLVKWYKKYHIPIMKLYPTPEEIPDFAFYLKIGTLLVSSSVKHIPLMTDL
SKKGYILYDNVVTLPLTTFQQKISKYFNSRLFGHDIESFINRHKKFANVSDEYLQYIFIEDISSP
;
_entity_poly.pdbx_strand_id   D,O,A
#
loop_
_chem_comp.id
_chem_comp.type
_chem_comp.name
_chem_comp.formula
ATP non-polymer ADENOSINE-5'-TRIPHOSPHATE 'C10 H16 N5 O13 P3'
ZN non-polymer 'ZINC ION' 'Zn 2'
#
# COMPACT_ATOMS: atom_id res chain seq x y z
N ASP A 2 2.63 -15.30 -46.89
CA ASP A 2 2.23 -14.06 -46.24
C ASP A 2 3.32 -13.01 -46.43
N ALA A 3 3.80 -12.45 -45.31
CA ALA A 3 4.88 -11.48 -45.37
C ALA A 3 6.16 -12.12 -45.92
N ALA A 4 6.54 -13.27 -45.37
CA ALA A 4 7.67 -14.07 -45.85
C ALA A 4 8.94 -13.24 -45.98
N ILE A 5 9.25 -12.82 -47.21
CA ILE A 5 10.49 -12.08 -47.45
C ILE A 5 10.44 -10.70 -46.80
N ARG A 6 9.25 -10.13 -46.65
CA ARG A 6 9.09 -8.76 -46.17
C ARG A 6 9.52 -8.67 -44.72
N GLY A 7 10.72 -8.14 -44.49
CA GLY A 7 11.19 -7.84 -43.15
C GLY A 7 11.71 -6.42 -43.07
N ASN A 8 11.06 -5.59 -42.26
CA ASN A 8 11.40 -4.18 -42.22
C ASN A 8 12.75 -3.96 -41.53
N ASP A 9 13.60 -3.15 -42.15
CA ASP A 9 14.85 -2.73 -41.56
C ASP A 9 15.09 -1.23 -41.64
N VAL A 10 14.28 -0.50 -42.39
CA VAL A 10 14.42 0.95 -42.51
C VAL A 10 13.72 1.62 -41.34
N ILE A 11 14.39 2.57 -40.71
CA ILE A 11 13.87 3.29 -39.56
C ILE A 11 13.39 4.66 -40.02
N PHE A 12 12.10 4.92 -39.80
CA PHE A 12 11.45 6.17 -40.14
C PHE A 12 11.39 7.04 -38.88
N VAL A 13 11.84 8.29 -38.99
CA VAL A 13 12.05 9.13 -37.81
C VAL A 13 11.54 10.54 -38.10
N LEU A 14 10.95 11.15 -37.07
CA LEU A 14 10.55 12.56 -37.10
C LEU A 14 11.50 13.35 -36.22
N LYS A 15 11.97 14.49 -36.74
CA LYS A 15 12.95 15.31 -36.04
C LYS A 15 12.33 16.43 -35.22
N THR A 16 11.00 16.54 -35.19
CA THR A 16 10.36 17.62 -34.45
C THR A 16 8.95 17.19 -34.05
N ILE A 17 8.64 17.32 -32.76
CA ILE A 17 7.29 17.01 -32.29
C ILE A 17 6.31 18.04 -32.84
N GLY A 18 5.07 17.61 -33.07
CA GLY A 18 4.08 18.46 -33.69
C GLY A 18 4.40 18.81 -35.12
N VAL A 19 4.82 17.82 -35.91
CA VAL A 19 5.19 18.06 -37.30
C VAL A 19 3.96 18.50 -38.08
N PRO A 20 4.07 19.48 -38.98
CA PRO A 20 2.91 19.86 -39.80
C PRO A 20 2.41 18.68 -40.63
N SER A 21 1.08 18.60 -40.78
CA SER A 21 0.48 17.51 -41.53
C SER A 21 0.85 17.57 -43.01
N ALA A 22 0.88 18.78 -43.58
CA ALA A 22 1.18 18.92 -45.01
C ALA A 22 2.62 18.51 -45.32
N CYS A 23 3.55 18.84 -44.43
CA CYS A 23 4.96 18.53 -44.68
C CYS A 23 5.21 17.02 -44.71
N ARG A 24 4.50 16.27 -43.87
CA ARG A 24 4.71 14.83 -43.81
C ARG A 24 4.34 14.15 -45.13
N GLN A 25 3.25 14.59 -45.76
CA GLN A 25 2.81 13.98 -47.00
C GLN A 25 3.80 14.18 -48.13
N ASN A 26 4.64 15.20 -48.07
CA ASN A 26 5.64 15.47 -49.10
C ASN A 26 7.05 15.11 -48.67
N GLU A 27 7.22 14.47 -47.51
CA GLU A 27 8.53 14.06 -47.00
C GLU A 27 9.47 15.26 -46.87
N ASP A 28 9.10 16.18 -45.99
CA ASP A 28 9.92 17.37 -45.75
C ASP A 28 11.24 16.96 -45.13
N PRO A 29 12.38 17.27 -45.75
CA PRO A 29 13.67 16.80 -45.20
C PRO A 29 13.98 17.30 -43.79
N ARG A 30 13.52 18.50 -43.43
CA ARG A 30 13.87 19.07 -42.14
C ARG A 30 12.98 18.58 -41.00
N PHE A 31 11.99 17.73 -41.28
CA PHE A 31 11.19 17.11 -40.23
C PHE A 31 11.08 15.60 -40.34
N VAL A 32 11.41 15.02 -41.49
CA VAL A 32 11.21 13.59 -41.75
C VAL A 32 12.50 13.00 -42.30
N GLU A 33 12.93 11.87 -41.76
CA GLU A 33 14.10 11.17 -42.26
C GLU A 33 13.89 9.66 -42.18
N ALA A 34 14.72 8.93 -42.91
CA ALA A 34 14.71 7.47 -42.90
C ALA A 34 16.15 6.98 -43.01
N PHE A 35 16.61 6.24 -42.00
CA PHE A 35 17.96 5.70 -41.99
C PHE A 35 17.93 4.19 -41.82
N LYS A 36 19.13 3.61 -41.76
CA LYS A 36 19.33 2.25 -41.29
C LYS A 36 19.76 2.30 -39.83
N CYS A 37 20.15 1.15 -39.28
CA CYS A 37 20.62 1.12 -37.89
C CYS A 37 21.94 1.87 -37.73
N ASP A 38 22.93 1.56 -38.57
CA ASP A 38 24.23 2.20 -38.46
C ASP A 38 24.16 3.68 -38.80
N GLU A 39 23.37 4.04 -39.80
CA GLU A 39 23.22 5.45 -40.15
C GLU A 39 22.60 6.23 -39.01
N LEU A 40 21.56 5.67 -38.37
CA LEU A 40 20.94 6.34 -37.22
C LEU A 40 21.92 6.46 -36.07
N GLU A 41 22.70 5.40 -35.80
CA GLU A 41 23.67 5.45 -34.72
C GLU A 41 24.71 6.54 -34.96
N ARG A 42 25.23 6.61 -36.19
CA ARG A 42 26.21 7.65 -36.52
C ARG A 42 25.59 9.04 -36.43
N TYR A 43 24.37 9.20 -36.93
CA TYR A 43 23.70 10.50 -36.87
C TYR A 43 23.52 10.97 -35.44
N ILE A 44 23.15 10.06 -34.54
CA ILE A 44 23.07 10.42 -33.12
C ILE A 44 24.46 10.73 -32.58
N ASP A 45 25.48 9.99 -33.03
CA ASP A 45 26.84 10.19 -32.50
C ASP A 45 27.37 11.58 -32.83
N ASN A 46 27.24 12.01 -34.08
CA ASN A 46 27.75 13.33 -34.45
C ASN A 46 26.99 14.44 -33.76
N ASN A 47 25.68 14.31 -33.62
CA ASN A 47 24.84 15.35 -33.03
C ASN A 47 24.20 14.83 -31.75
N PRO A 48 24.78 15.10 -30.58
CA PRO A 48 24.16 14.68 -29.32
C PRO A 48 23.07 15.61 -28.81
N GLU A 49 22.77 16.72 -29.50
CA GLU A 49 21.71 17.63 -29.09
C GLU A 49 20.42 17.43 -29.87
N CYS A 50 20.31 16.34 -30.62
CA CYS A 50 19.15 16.10 -31.47
C CYS A 50 17.95 15.66 -30.64
N THR A 51 16.78 15.66 -31.29
CA THR A 51 15.54 15.21 -30.68
C THR A 51 14.79 14.39 -31.73
N LEU A 52 14.73 13.08 -31.53
CA LEU A 52 14.25 12.15 -32.54
C LEU A 52 13.14 11.28 -31.97
N PHE A 53 12.09 11.05 -32.78
CA PHE A 53 10.99 10.17 -32.42
C PHE A 53 10.80 9.10 -33.49
N GLU A 54 10.38 7.92 -33.05
CA GLU A 54 10.22 6.76 -33.91
C GLU A 54 8.74 6.52 -34.20
N SER A 55 8.41 6.38 -35.48
CA SER A 55 7.02 6.15 -35.88
C SER A 55 7.01 5.49 -37.25
N LEU A 56 5.86 4.90 -37.58
CA LEU A 56 5.66 4.31 -38.89
C LEU A 56 5.28 5.39 -39.91
N ARG A 57 5.34 5.02 -41.18
CA ARG A 57 4.97 5.90 -42.27
C ARG A 57 3.63 5.56 -42.91
N ASP A 58 3.41 4.28 -43.21
CA ASP A 58 2.21 3.83 -43.91
C ASP A 58 1.59 2.67 -43.13
N GLU A 59 0.47 2.92 -42.45
CA GLU A 59 -0.17 1.89 -41.65
C GLU A 59 -1.12 1.00 -42.44
N GLU A 60 -1.40 1.33 -43.71
CA GLU A 60 -2.33 0.52 -44.50
C GLU A 60 -1.64 -0.57 -45.31
N ALA A 61 -0.32 -0.50 -45.46
CA ALA A 61 0.43 -1.49 -46.22
C ALA A 61 1.24 -2.43 -45.34
N TYR A 62 2.08 -1.89 -44.45
CA TYR A 62 2.88 -2.68 -43.53
C TYR A 62 2.63 -2.18 -42.12
N SER A 63 2.00 -3.01 -41.29
CA SER A 63 1.62 -2.65 -39.93
C SER A 63 2.01 -3.75 -38.95
N ILE A 64 3.24 -4.23 -39.06
CA ILE A 64 3.78 -5.25 -38.15
C ILE A 64 4.77 -4.56 -37.22
N VAL A 65 4.50 -4.60 -35.92
CA VAL A 65 5.33 -3.95 -34.92
C VAL A 65 5.53 -4.90 -33.75
N ARG A 66 6.57 -4.61 -32.95
CA ARG A 66 6.82 -5.34 -31.73
C ARG A 66 5.88 -4.86 -30.62
N ILE A 67 5.87 -5.61 -29.52
CA ILE A 67 5.10 -5.23 -28.34
C ILE A 67 5.95 -4.30 -27.49
N PHE A 68 5.38 -3.15 -27.13
CA PHE A 68 6.11 -2.13 -26.38
C PHE A 68 5.22 -1.56 -25.29
N MET A 69 5.85 -1.12 -24.20
CA MET A 69 5.14 -0.52 -23.09
C MET A 69 6.00 0.56 -22.46
N ASP A 70 5.34 1.55 -21.85
CA ASP A 70 6.01 2.67 -21.21
C ASP A 70 5.51 2.74 -19.77
N VAL A 71 6.44 2.84 -18.82
CA VAL A 71 6.12 2.95 -17.41
C VAL A 71 6.77 4.20 -16.86
N ASP A 72 6.01 4.99 -16.09
CA ASP A 72 6.51 6.24 -15.54
C ASP A 72 5.87 6.44 -14.17
N LEU A 73 6.69 6.38 -13.11
CA LEU A 73 6.23 6.57 -11.75
C LEU A 73 7.06 7.65 -11.07
N ASP A 74 6.39 8.52 -10.33
CA ASP A 74 7.04 9.64 -9.65
C ASP A 74 7.45 9.26 -8.23
N ALA A 75 8.29 8.23 -8.14
CA ALA A 75 8.74 7.74 -6.84
C ALA A 75 10.01 6.91 -7.04
N CYS A 76 11.06 7.24 -6.29
CA CYS A 76 12.29 6.48 -6.32
C CYS A 76 12.12 5.19 -5.53
N LEU A 77 12.90 4.17 -5.90
CA LEU A 77 12.83 2.87 -5.26
C LEU A 77 14.24 2.33 -5.05
N ASP A 78 14.36 1.42 -4.09
CA ASP A 78 15.62 0.74 -3.83
C ASP A 78 15.82 -0.39 -4.85
N GLU A 79 16.99 -1.03 -4.80
CA GLU A 79 17.36 -2.01 -5.82
C GLU A 79 16.49 -3.26 -5.72
N ILE A 80 16.36 -3.82 -4.52
CA ILE A 80 15.69 -5.10 -4.37
C ILE A 80 14.19 -4.96 -4.62
N ASP A 81 13.59 -3.88 -4.11
CA ASP A 81 12.18 -3.63 -4.37
C ASP A 81 11.93 -3.44 -5.86
N TYR A 82 12.83 -2.72 -6.54
CA TYR A 82 12.70 -2.54 -7.98
C TYR A 82 12.78 -3.88 -8.72
N LEU A 83 13.70 -4.75 -8.30
CA LEU A 83 13.82 -6.06 -8.95
C LEU A 83 12.57 -6.90 -8.74
N THR A 84 12.04 -6.92 -7.52
CA THR A 84 10.82 -7.67 -7.26
C THR A 84 9.65 -7.13 -8.07
N ALA A 85 9.54 -5.80 -8.13
CA ALA A 85 8.45 -5.18 -8.89
C ALA A 85 8.57 -5.50 -10.37
N ILE A 86 9.78 -5.47 -10.92
CA ILE A 86 9.94 -5.75 -12.35
C ILE A 86 9.63 -7.21 -12.65
N GLN A 87 10.00 -8.12 -11.75
CA GLN A 87 9.67 -9.53 -11.95
C GLN A 87 8.16 -9.75 -11.95
N ASP A 88 7.47 -9.17 -10.97
CA ASP A 88 6.02 -9.30 -10.90
C ASP A 88 5.34 -8.69 -12.12
N PHE A 89 5.84 -7.52 -12.55
CA PHE A 89 5.30 -6.86 -13.74
C PHE A 89 5.45 -7.73 -14.97
N ILE A 90 6.63 -8.33 -15.15
CA ILE A 90 6.86 -9.20 -16.30
C ILE A 90 5.88 -10.37 -16.28
N ILE A 91 5.75 -11.02 -15.11
CA ILE A 91 4.89 -12.20 -15.02
C ILE A 91 3.45 -11.84 -15.34
N GLU A 92 2.93 -10.77 -14.71
CA GLU A 92 1.53 -10.41 -14.89
C GLU A 92 1.25 -9.97 -16.33
N VAL A 93 2.15 -9.17 -16.91
CA VAL A 93 1.97 -8.72 -18.29
C VAL A 93 1.96 -9.90 -19.25
N SER A 94 2.89 -10.84 -19.06
CA SER A 94 2.93 -12.01 -19.93
C SER A 94 1.65 -12.81 -19.82
N ASN A 95 1.15 -13.01 -18.60
CA ASN A 95 -0.09 -13.76 -18.43
C ASN A 95 -1.25 -13.08 -19.13
N CYS A 96 -1.40 -11.76 -18.95
CA CYS A 96 -2.51 -11.05 -19.55
C CYS A 96 -2.43 -11.08 -21.08
N VAL A 97 -1.25 -10.83 -21.63
CA VAL A 97 -1.11 -10.79 -23.09
C VAL A 97 -1.37 -12.18 -23.68
N ALA A 98 -0.86 -13.22 -23.04
CA ALA A 98 -1.10 -14.57 -23.55
C ALA A 98 -2.57 -14.94 -23.48
N ARG A 99 -3.26 -14.53 -22.40
CA ARG A 99 -4.68 -14.80 -22.29
C ARG A 99 -5.45 -14.11 -23.41
N PHE A 100 -5.14 -12.84 -23.68
CA PHE A 100 -5.81 -12.14 -24.78
C PHE A 100 -5.54 -12.82 -26.11
N ALA A 101 -4.28 -13.23 -26.34
CA ALA A 101 -3.92 -13.87 -27.60
C ALA A 101 -4.68 -15.17 -27.79
N PHE A 102 -4.82 -15.96 -26.72
CA PHE A 102 -5.56 -17.21 -26.84
C PHE A 102 -7.05 -16.97 -27.02
N THR A 103 -7.60 -15.91 -26.41
CA THR A 103 -9.05 -15.71 -26.46
C THR A 103 -9.49 -15.08 -27.77
N GLU A 104 -8.96 -13.91 -28.10
CA GLU A 104 -9.47 -13.13 -29.24
C GLU A 104 -8.65 -13.28 -30.51
N CYS A 105 -7.41 -13.77 -30.42
CA CYS A 105 -6.55 -13.85 -31.60
C CYS A 105 -6.44 -15.26 -32.17
N GLY A 106 -6.59 -16.29 -31.36
CA GLY A 106 -6.47 -17.66 -31.84
C GLY A 106 -5.08 -18.24 -31.79
N ALA A 107 -4.20 -17.70 -30.95
CA ALA A 107 -2.83 -18.18 -30.86
C ALA A 107 -2.73 -19.26 -29.79
N ILE A 108 -1.50 -19.63 -29.42
CA ILE A 108 -1.24 -20.63 -28.39
C ILE A 108 -0.65 -19.93 -27.18
N HIS A 109 -1.16 -20.24 -25.99
CA HIS A 109 -0.77 -19.54 -24.78
C HIS A 109 0.69 -19.76 -24.46
N GLU A 110 1.13 -21.03 -24.47
CA GLU A 110 2.50 -21.34 -24.06
C GLU A 110 3.53 -20.71 -24.97
N ASN A 111 3.29 -20.73 -26.29
CA ASN A 111 4.24 -20.13 -27.21
C ASN A 111 4.36 -18.63 -26.98
N VAL A 112 3.23 -17.95 -26.78
CA VAL A 112 3.26 -16.51 -26.56
C VAL A 112 4.01 -16.18 -25.27
N ILE A 113 3.71 -16.92 -24.20
CA ILE A 113 4.33 -16.58 -22.91
C ILE A 113 5.82 -16.90 -22.94
N LYS A 114 6.22 -17.99 -23.60
CA LYS A 114 7.63 -18.31 -23.72
C LYS A 114 8.37 -17.28 -24.56
N SER A 115 7.76 -16.85 -25.68
CA SER A 115 8.40 -15.85 -26.52
C SER A 115 8.55 -14.52 -25.77
N MET A 116 7.55 -14.16 -24.97
CA MET A 116 7.64 -12.88 -24.26
C MET A 116 8.67 -12.94 -23.14
N ARG A 117 8.72 -14.06 -22.40
CA ARG A 117 9.72 -14.17 -21.34
C ARG A 117 11.12 -14.48 -21.85
N SER A 118 11.27 -14.83 -23.13
CA SER A 118 12.60 -15.17 -23.65
C SER A 118 13.52 -13.95 -23.63
N ASN A 119 13.15 -12.90 -24.36
CA ASN A 119 13.99 -11.71 -24.48
C ASN A 119 13.13 -10.46 -24.28
N PHE A 120 13.66 -9.52 -23.50
CA PHE A 120 13.03 -8.21 -23.34
C PHE A 120 14.11 -7.20 -22.96
N SER A 121 13.94 -5.98 -23.46
CA SER A 121 14.90 -4.91 -23.26
C SER A 121 14.30 -3.80 -22.40
N LEU A 122 15.14 -3.18 -21.57
CA LEU A 122 14.72 -2.15 -20.64
C LEU A 122 15.64 -0.94 -20.77
N THR A 123 15.12 0.20 -20.35
CA THR A 123 15.86 1.47 -20.33
C THR A 123 15.82 2.06 -18.94
N LYS A 124 16.43 3.23 -18.78
CA LYS A 124 16.44 3.93 -17.50
C LYS A 124 16.55 5.43 -17.76
N SER A 125 16.12 6.20 -16.77
CA SER A 125 16.14 7.66 -16.85
C SER A 125 17.18 8.23 -15.89
N THR A 126 17.80 9.33 -16.30
CA THR A 126 18.82 9.97 -15.48
C THR A 126 18.24 10.72 -14.29
N ASN A 127 16.92 10.87 -14.22
CA ASN A 127 16.31 11.53 -13.07
C ASN A 127 16.52 10.73 -11.81
N ARG A 128 16.83 11.42 -10.72
CA ARG A 128 17.08 10.79 -9.43
C ARG A 128 15.83 10.65 -8.57
N ASP A 129 14.67 11.06 -9.07
CA ASP A 129 13.43 11.00 -8.31
C ASP A 129 12.30 10.30 -9.03
N LYS A 130 12.54 9.74 -10.22
CA LYS A 130 11.50 9.10 -11.01
C LYS A 130 11.98 7.75 -11.52
N THR A 131 11.03 6.83 -11.70
CA THR A 131 11.31 5.53 -12.30
C THR A 131 10.53 5.46 -13.60
N SER A 132 11.23 5.61 -14.73
CA SER A 132 10.62 5.59 -16.04
C SER A 132 11.42 4.70 -16.97
N PHE A 133 10.72 3.86 -17.72
CA PHE A 133 11.40 2.95 -18.64
C PHE A 133 10.45 2.50 -19.73
N HIS A 134 11.02 2.26 -20.91
CA HIS A 134 10.32 1.64 -22.02
C HIS A 134 10.79 0.19 -22.15
N ILE A 135 9.83 -0.73 -22.29
CA ILE A 135 10.12 -2.16 -22.40
C ILE A 135 9.61 -2.65 -23.75
N ILE A 136 10.48 -3.30 -24.51
CA ILE A 136 10.17 -3.82 -25.83
C ILE A 136 10.44 -5.31 -25.84
N PHE A 137 9.44 -6.09 -26.28
CA PHE A 137 9.58 -7.54 -26.37
C PHE A 137 10.07 -7.90 -27.77
N LEU A 138 11.23 -8.54 -27.83
CA LEU A 138 11.95 -8.67 -29.09
C LEU A 138 11.38 -9.74 -30.01
N ASP A 139 10.83 -10.83 -29.45
CA ASP A 139 10.48 -12.00 -30.24
C ASP A 139 8.97 -12.20 -30.37
N THR A 140 8.18 -11.16 -30.12
CA THR A 140 6.73 -11.23 -30.26
C THR A 140 6.27 -10.17 -31.24
N TYR A 141 5.43 -10.57 -32.20
CA TYR A 141 5.00 -9.68 -33.27
C TYR A 141 3.49 -9.71 -33.42
N THR A 142 2.92 -8.54 -33.69
CA THR A 142 1.48 -8.38 -33.85
C THR A 142 1.22 -7.08 -34.61
N THR A 143 -0.02 -6.93 -35.07
CA THR A 143 -0.40 -5.72 -35.79
C THR A 143 -0.78 -4.62 -34.81
N MET A 144 -0.81 -3.38 -35.32
CA MET A 144 -1.12 -2.23 -34.48
C MET A 144 -2.57 -2.28 -33.98
N ASP A 145 -3.49 -2.70 -34.84
CA ASP A 145 -4.90 -2.79 -34.44
C ASP A 145 -5.10 -3.78 -33.31
N THR A 146 -4.29 -4.83 -33.26
CA THR A 146 -4.36 -5.77 -32.15
C THR A 146 -4.00 -5.10 -30.83
N LEU A 147 -2.98 -4.24 -30.84
CA LEU A 147 -2.64 -3.49 -29.64
C LEU A 147 -3.72 -2.49 -29.29
N ILE A 148 -4.34 -1.86 -30.29
CA ILE A 148 -5.43 -0.94 -30.04
C ILE A 148 -6.58 -1.66 -29.34
N ALA A 149 -6.87 -2.88 -29.78
CA ALA A 149 -7.88 -3.69 -29.10
C ALA A 149 -7.43 -4.08 -27.70
N MET A 150 -6.16 -4.43 -27.54
CA MET A 150 -5.62 -4.83 -26.24
C MET A 150 -5.58 -3.68 -25.25
N LYS A 151 -5.73 -2.44 -25.72
CA LYS A 151 -5.70 -1.29 -24.84
C LYS A 151 -6.69 -1.43 -23.68
N ARG A 152 -7.90 -1.92 -23.96
CA ARG A 152 -8.90 -2.07 -22.91
C ARG A 152 -8.46 -3.08 -21.85
N THR A 153 -7.93 -4.22 -22.30
CA THR A 153 -7.47 -5.23 -21.35
C THR A 153 -6.30 -4.70 -20.52
N LEU A 154 -5.39 -3.96 -21.15
CA LEU A 154 -4.25 -3.40 -20.42
C LEU A 154 -4.72 -2.37 -19.40
N LEU A 155 -5.70 -1.54 -19.76
CA LEU A 155 -6.25 -0.58 -18.80
C LEU A 155 -6.91 -1.29 -17.62
N GLU A 156 -7.68 -2.35 -17.91
CA GLU A 156 -8.30 -3.10 -16.83
C GLU A 156 -7.27 -3.74 -15.92
N LEU A 157 -6.20 -4.28 -16.50
CA LEU A 157 -5.14 -4.89 -15.71
C LEU A 157 -4.44 -3.86 -14.84
N SER A 158 -4.17 -2.68 -15.39
CA SER A 158 -3.52 -1.62 -14.61
C SER A 158 -4.42 -1.16 -13.47
N ARG A 159 -5.73 -1.05 -13.73
CA ARG A 159 -6.66 -0.64 -12.68
C ARG A 159 -6.76 -1.70 -11.59
N SER A 160 -6.77 -2.98 -11.96
CA SER A 160 -6.98 -4.06 -11.00
C SER A 160 -5.74 -4.34 -10.15
N SER A 161 -4.54 -4.18 -10.72
CA SER A 161 -3.32 -4.57 -10.04
C SER A 161 -3.01 -3.61 -8.89
N GLU A 162 -1.94 -3.91 -8.16
CA GLU A 162 -1.51 -3.08 -7.04
C GLU A 162 -0.01 -2.84 -6.99
N ASN A 163 0.76 -3.43 -7.89
CA ASN A 163 2.20 -3.17 -7.90
C ASN A 163 2.48 -1.74 -8.34
N PRO A 164 3.48 -1.08 -7.76
CA PRO A 164 3.78 0.31 -8.16
C PRO A 164 4.11 0.46 -9.63
N LEU A 165 4.77 -0.53 -10.24
CA LEU A 165 5.11 -0.44 -11.65
C LEU A 165 3.92 -0.70 -12.55
N THR A 166 3.00 -1.57 -12.13
CA THR A 166 1.87 -1.92 -12.99
C THR A 166 0.84 -0.79 -13.06
N ARG A 167 0.67 -0.03 -11.97
CA ARG A 167 -0.28 1.07 -11.98
C ARG A 167 0.14 2.23 -12.87
N SER A 168 1.38 2.23 -13.35
CA SER A 168 1.92 3.34 -14.13
C SER A 168 1.97 3.06 -15.63
N ILE A 169 1.22 2.06 -16.09
CA ILE A 169 1.20 1.73 -17.52
C ILE A 169 0.34 2.76 -18.24
N ASP A 170 0.91 3.40 -19.25
CA ASP A 170 0.21 4.40 -20.05
C ASP A 170 -0.35 3.71 -21.29
N THR A 171 -1.68 3.62 -21.38
CA THR A 171 -2.34 2.99 -22.50
C THR A 171 -2.60 3.94 -23.66
N ALA A 172 -2.28 5.23 -23.50
CA ALA A 172 -2.49 6.19 -24.57
C ALA A 172 -1.50 6.04 -25.72
N VAL A 173 -0.41 5.30 -25.51
CA VAL A 173 0.56 5.10 -26.59
C VAL A 173 0.00 4.23 -27.70
N TYR A 174 -1.04 3.44 -27.42
CA TYR A 174 -1.66 2.58 -28.43
C TYR A 174 -2.73 3.38 -29.18
N ARG A 175 -2.26 4.28 -30.03
CA ARG A 175 -3.12 5.13 -30.83
C ARG A 175 -2.61 5.14 -32.27
N ARG A 176 -3.50 5.48 -33.20
CA ARG A 176 -3.12 5.61 -34.59
C ARG A 176 -2.09 6.72 -34.74
N LYS A 177 -1.07 6.47 -35.56
CA LYS A 177 0.04 7.39 -35.80
C LYS A 177 0.75 7.72 -34.47
N THR A 178 1.29 6.67 -33.86
CA THR A 178 1.97 6.79 -32.58
C THR A 178 3.46 7.03 -32.78
N THR A 179 4.08 7.66 -31.77
CA THR A 179 5.49 7.98 -31.79
C THR A 179 6.14 7.56 -30.47
N LEU A 180 7.41 7.20 -30.55
CA LEU A 180 8.18 6.79 -29.38
C LEU A 180 9.56 7.41 -29.45
N ARG A 181 10.05 7.87 -28.30
CA ARG A 181 11.34 8.56 -28.24
C ARG A 181 12.49 7.56 -28.32
N VAL A 182 13.48 7.90 -29.13
CA VAL A 182 14.66 7.06 -29.27
C VAL A 182 15.55 7.21 -28.04
N VAL A 183 16.13 6.10 -27.59
CA VAL A 183 16.98 6.12 -26.41
C VAL A 183 18.23 6.96 -26.68
N GLY A 184 18.72 7.61 -25.63
CA GLY A 184 19.89 8.46 -25.75
C GLY A 184 19.66 9.77 -26.44
N THR A 185 18.41 10.14 -26.69
CA THR A 185 18.08 11.35 -27.43
C THR A 185 17.20 12.26 -26.58
N ARG A 186 17.46 13.56 -26.65
CA ARG A 186 16.77 14.53 -25.82
C ARG A 186 15.29 14.61 -26.20
N LYS A 187 14.46 14.89 -25.19
CA LYS A 187 13.03 15.09 -25.39
C LYS A 187 12.72 16.54 -25.72
N ASN A 188 13.08 17.44 -24.82
CA ASN A 188 12.96 18.88 -25.06
C ASN A 188 14.29 19.45 -25.53
N PRO A 189 14.26 20.53 -26.32
CA PRO A 189 15.54 21.09 -26.80
C PRO A 189 16.44 21.61 -25.69
N ASN A 190 15.89 21.91 -24.52
CA ASN A 190 16.66 22.45 -23.40
C ASN A 190 16.45 21.63 -22.14
N CYS A 191 16.40 20.31 -22.28
CA CYS A 191 16.26 19.39 -21.15
C CYS A 191 17.34 18.33 -21.25
N ASP A 192 18.03 18.09 -20.14
CA ASP A 192 19.15 17.15 -20.11
C ASP A 192 18.72 15.72 -19.78
N THR A 193 17.45 15.50 -19.48
CA THR A 193 16.98 14.16 -19.12
C THR A 193 16.82 13.31 -20.38
N ILE A 194 17.60 12.23 -20.47
CA ILE A 194 17.57 11.31 -21.59
C ILE A 194 17.44 9.89 -21.05
N HIS A 195 17.37 8.93 -21.96
CA HIS A 195 17.27 7.52 -21.62
C HIS A 195 18.59 6.83 -21.88
N VAL A 196 18.84 5.75 -21.13
CA VAL A 196 20.08 4.99 -21.23
C VAL A 196 19.75 3.52 -21.40
N MET A 197 20.73 2.77 -21.91
CA MET A 197 20.56 1.36 -22.20
C MET A 197 20.85 0.54 -20.94
N GLN A 198 20.89 -0.78 -21.08
CA GLN A 198 21.16 -1.70 -20.00
C GLN A 198 22.24 -2.70 -20.42
N PRO A 199 22.98 -3.26 -19.47
CA PRO A 199 24.16 -4.08 -19.82
C PRO A 199 23.84 -5.25 -20.73
N PRO A 200 22.70 -5.95 -20.57
CA PRO A 200 22.46 -7.10 -21.47
C PRO A 200 22.48 -6.76 -22.95
N HIS A 201 21.95 -5.60 -23.34
CA HIS A 201 21.83 -5.23 -24.74
C HIS A 201 22.68 -4.00 -25.03
N ASP A 202 23.50 -4.08 -26.08
CA ASP A 202 24.42 -3.01 -26.44
C ASP A 202 24.16 -2.40 -27.81
N ASN A 203 23.14 -2.85 -28.53
CA ASN A 203 22.86 -2.37 -29.87
C ASN A 203 21.53 -1.63 -29.91
N ILE A 204 21.45 -0.63 -30.78
CA ILE A 204 20.22 0.13 -30.93
C ILE A 204 19.14 -0.68 -31.63
N GLU A 205 19.52 -1.72 -32.39
CA GLU A 205 18.54 -2.53 -33.10
C GLU A 205 17.54 -3.19 -32.16
N ASP A 206 17.90 -3.36 -30.90
CA ASP A 206 17.03 -3.99 -29.91
C ASP A 206 16.16 -2.99 -29.17
N TYR A 207 16.26 -1.70 -29.50
CA TYR A 207 15.49 -0.67 -28.80
C TYR A 207 14.49 0.04 -29.70
N LEU A 208 14.19 -0.50 -30.87
CA LEU A 208 13.24 0.07 -31.80
C LEU A 208 12.11 -0.92 -32.04
N PHE A 209 10.87 -0.45 -31.93
CA PHE A 209 9.70 -1.32 -32.05
C PHE A 209 9.21 -1.50 -33.48
N THR A 210 9.77 -0.76 -34.44
CA THR A 210 9.41 -0.92 -35.83
C THR A 210 10.38 -1.83 -36.58
N TYR A 211 11.39 -2.38 -35.90
CA TYR A 211 12.36 -3.25 -36.52
C TYR A 211 11.88 -4.70 -36.43
N VAL A 212 11.72 -5.34 -37.59
CA VAL A 212 11.15 -6.68 -37.67
C VAL A 212 12.18 -7.60 -38.31
N ASP A 213 12.52 -8.68 -37.61
CA ASP A 213 13.40 -9.72 -38.16
C ASP A 213 13.06 -11.01 -37.42
N MET A 214 12.31 -11.88 -38.09
CA MET A 214 11.75 -13.08 -37.45
C MET A 214 12.73 -14.24 -37.62
N ASN A 215 13.32 -14.68 -36.51
CA ASN A 215 14.15 -15.88 -36.49
C ASN A 215 13.29 -17.08 -36.09
N ASN A 216 13.94 -18.20 -35.78
CA ASN A 216 13.25 -19.45 -35.46
C ASN A 216 12.61 -19.44 -34.07
N ASN A 217 12.85 -18.40 -33.26
CA ASN A 217 12.40 -18.38 -31.88
C ASN A 217 11.26 -17.38 -31.69
N SER A 218 10.85 -16.69 -32.73
CA SER A 218 9.84 -15.64 -32.62
C SER A 218 8.43 -16.20 -32.83
N TYR A 219 7.45 -15.43 -32.36
CA TYR A 219 6.03 -15.77 -32.51
C TYR A 219 5.28 -14.55 -33.03
N TYR A 220 4.29 -14.79 -33.88
CA TYR A 220 3.50 -13.73 -34.49
C TYR A 220 2.02 -14.08 -34.40
N PHE A 221 1.20 -13.09 -34.04
CA PHE A 221 -0.23 -13.31 -33.97
C PHE A 221 -0.97 -12.02 -34.27
N SER A 222 -2.24 -12.16 -34.65
CA SER A 222 -3.07 -11.02 -35.03
C SER A 222 -4.53 -11.36 -34.80
N LEU A 223 -5.37 -10.33 -34.86
CA LEU A 223 -6.81 -10.51 -34.64
C LEU A 223 -7.41 -11.38 -35.74
N GLN A 224 -8.41 -12.17 -35.36
CA GLN A 224 -9.08 -13.08 -36.28
C GLN A 224 -10.56 -12.79 -36.47
N ARG A 225 -11.18 -11.99 -35.61
CA ARG A 225 -12.60 -11.70 -35.75
C ARG A 225 -12.89 -10.90 -37.02
N ARG A 226 -12.02 -9.94 -37.35
CA ARG A 226 -12.21 -9.12 -38.53
C ARG A 226 -11.89 -9.90 -39.80
N PHE B 240 -16.11 5.99 -8.11
CA PHE B 240 -15.20 5.73 -6.99
C PHE B 240 -15.97 5.43 -5.71
N ILE B 241 -15.23 5.37 -4.61
CA ILE B 241 -15.81 5.12 -3.30
C ILE B 241 -15.92 6.43 -2.54
N SER B 242 -16.67 6.41 -1.44
CA SER B 242 -16.84 7.62 -0.64
C SER B 242 -15.52 8.02 0.01
N PHE B 243 -15.39 9.33 0.27
CA PHE B 243 -14.18 9.85 0.89
C PHE B 243 -13.97 9.28 2.28
N GLU B 244 -15.05 9.02 3.01
CA GLU B 244 -14.94 8.46 4.35
C GLU B 244 -14.29 7.09 4.32
N ASP B 245 -14.67 6.25 3.35
CA ASP B 245 -14.08 4.92 3.24
C ASP B 245 -12.59 5.00 2.92
N ALA B 246 -12.20 5.89 2.01
CA ALA B 246 -10.79 6.05 1.67
C ALA B 246 -9.99 6.53 2.88
N ILE B 247 -10.54 7.49 3.63
CA ILE B 247 -9.85 7.97 4.82
C ILE B 247 -9.74 6.87 5.86
N LYS B 248 -10.78 6.04 5.98
CA LYS B 248 -10.72 4.91 6.91
C LYS B 248 -9.63 3.93 6.52
N ARG B 249 -9.52 3.63 5.23
CA ARG B 249 -8.45 2.73 4.77
C ARG B 249 -7.08 3.32 5.03
N VAL B 250 -6.93 4.63 4.78
CA VAL B 250 -5.64 5.28 5.03
C VAL B 250 -5.29 5.23 6.50
N SER B 251 -6.25 5.53 7.37
CA SER B 251 -6.02 5.46 8.81
C SER B 251 -5.80 4.03 9.29
N LYS B 252 -6.30 3.04 8.56
CA LYS B 252 -6.02 1.65 8.90
C LYS B 252 -4.60 1.27 8.51
N ILE B 253 -4.10 1.79 7.39
CA ILE B 253 -2.73 1.50 6.98
C ILE B 253 -1.74 2.03 8.02
N PHE B 254 -1.94 3.27 8.47
CA PHE B 254 -1.10 3.86 9.50
C PHE B 254 -1.57 3.37 10.86
N ILE B 255 -0.73 2.58 11.55
CA ILE B 255 -1.11 2.05 12.86
C ILE B 255 -1.33 3.18 13.85
N ASN B 256 -0.43 4.17 13.85
CA ASN B 256 -0.55 5.29 14.77
C ASN B 256 -1.67 6.22 14.34
N SER B 257 -2.06 7.11 15.26
CA SER B 257 -3.14 8.04 15.01
C SER B 257 -2.63 9.26 14.23
N ILE B 258 -3.58 10.06 13.76
CA ILE B 258 -3.30 11.29 13.02
C ILE B 258 -3.84 12.45 13.84
N ILE B 259 -2.97 13.41 14.16
CA ILE B 259 -3.40 14.57 14.95
C ILE B 259 -4.01 15.67 14.10
N ASN B 260 -3.97 15.53 12.78
CA ASN B 260 -4.56 16.51 11.86
C ASN B 260 -5.74 15.91 11.09
N PHE B 261 -6.43 14.95 11.69
CA PHE B 261 -7.53 14.28 11.01
C PHE B 261 -8.69 15.24 10.73
N ASN B 262 -9.00 16.13 11.67
CA ASN B 262 -10.14 17.03 11.50
C ASN B 262 -9.91 18.02 10.37
N ASP B 263 -8.66 18.35 10.07
CA ASP B 263 -8.39 19.31 9.00
C ASP B 263 -8.58 18.71 7.61
N LEU B 264 -8.58 17.39 7.49
CA LEU B 264 -8.75 16.77 6.19
C LEU B 264 -10.17 16.95 5.68
N ASP B 265 -10.30 17.22 4.39
CA ASP B 265 -11.59 17.41 3.75
C ASP B 265 -11.53 16.84 2.34
N GLU B 266 -12.65 16.94 1.62
CA GLU B 266 -12.76 16.35 0.29
C GLU B 266 -12.14 17.23 -0.80
N ASN B 267 -11.69 18.43 -0.47
CA ASN B 267 -11.14 19.34 -1.47
C ASN B 267 -9.67 19.69 -1.25
N ASN B 268 -9.11 19.42 -0.07
CA ASN B 268 -7.73 19.76 0.22
C ASN B 268 -7.05 18.59 0.94
N PHE B 269 -7.27 17.38 0.43
CA PHE B 269 -6.68 16.18 1.03
C PHE B 269 -5.36 15.78 0.38
N THR B 270 -4.85 16.58 -0.56
CA THR B 270 -3.58 16.29 -1.21
C THR B 270 -2.53 17.35 -0.96
N THR B 271 -2.86 18.42 -0.25
CA THR B 271 -1.93 19.52 -0.02
C THR B 271 -1.48 19.66 1.43
N VAL B 272 -2.37 19.44 2.38
CA VAL B 272 -2.01 19.61 3.79
C VAL B 272 -1.18 18.41 4.24
N PRO B 273 0.00 18.62 4.84
CA PRO B 273 0.77 17.49 5.35
C PRO B 273 0.08 16.82 6.53
N LEU B 274 0.35 15.53 6.69
CA LEU B 274 -0.20 14.74 7.77
C LEU B 274 0.89 14.46 8.79
N VAL B 275 0.59 14.70 10.06
CA VAL B 275 1.51 14.46 11.17
C VAL B 275 1.02 13.24 11.94
N ILE B 276 1.94 12.32 12.21
CA ILE B 276 1.63 11.06 12.88
C ILE B 276 2.20 11.11 14.29
N ASP B 277 1.36 10.80 15.28
CA ASP B 277 1.81 10.71 16.67
C ASP B 277 2.65 9.45 16.80
N TYR B 278 3.98 9.63 16.85
CA TYR B 278 4.90 8.51 16.82
C TYR B 278 5.15 8.01 18.24
N VAL B 279 4.22 7.19 18.71
CA VAL B 279 4.46 6.41 19.93
C VAL B 279 4.99 5.02 19.59
N THR B 280 4.66 4.51 18.41
CA THR B 280 5.14 3.24 17.89
C THR B 280 5.67 3.45 16.47
N PRO B 281 6.60 2.62 16.02
CA PRO B 281 7.14 2.77 14.66
C PRO B 281 6.06 2.62 13.60
N CYS B 282 6.22 3.37 12.51
CA CYS B 282 5.24 3.32 11.43
C CYS B 282 5.32 2.00 10.69
N ALA B 283 4.18 1.55 10.18
CA ALA B 283 4.10 0.21 9.59
C ALA B 283 4.90 0.10 8.30
N LEU B 284 5.02 1.20 7.55
CA LEU B 284 5.74 1.15 6.28
C LEU B 284 7.21 0.81 6.49
N CYS B 285 7.94 1.67 7.19
CA CYS B 285 9.32 1.40 7.58
C CYS B 285 9.41 1.47 9.09
N LYS B 286 10.10 0.49 9.69
CA LYS B 286 10.09 0.43 11.15
C LYS B 286 10.77 1.67 11.74
N LYS B 287 12.08 1.77 11.57
CA LYS B 287 12.91 2.86 12.09
C LYS B 287 12.40 3.26 13.47
N ARG B 288 12.31 4.55 13.78
CA ARG B 288 11.64 5.04 14.98
C ARG B 288 11.36 6.54 14.88
N SER B 289 10.09 6.92 14.87
CA SER B 289 9.67 8.31 15.06
C SER B 289 10.28 9.24 14.00
N HIS B 290 9.84 9.04 12.76
CA HIS B 290 10.21 9.93 11.67
C HIS B 290 10.00 11.39 12.07
N LYS B 291 10.86 12.26 11.52
CA LYS B 291 10.87 13.68 11.86
C LYS B 291 10.28 14.55 10.75
N HIS B 292 9.56 13.95 9.79
CA HIS B 292 8.94 14.68 8.72
C HIS B 292 7.51 14.23 8.53
N PRO B 293 6.63 15.10 8.03
CA PRO B 293 5.25 14.70 7.75
C PRO B 293 5.17 13.87 6.47
N HIS B 294 4.00 13.26 6.28
CA HIS B 294 3.71 12.47 5.09
C HIS B 294 2.78 13.26 4.17
N GLN B 295 2.50 12.69 3.00
CA GLN B 295 1.60 13.32 2.04
C GLN B 295 0.97 12.24 1.18
N LEU B 296 -0.17 12.58 0.58
CA LEU B 296 -0.94 11.68 -0.25
C LEU B 296 -1.09 12.26 -1.65
N SER B 297 -1.07 11.37 -2.64
CA SER B 297 -1.30 11.76 -4.03
C SER B 297 -2.32 10.84 -4.65
N LEU B 298 -3.08 11.36 -5.61
CA LEU B 298 -4.11 10.60 -6.31
C LEU B 298 -3.65 10.31 -7.72
N GLU B 299 -3.56 9.04 -8.09
CA GLU B 299 -3.15 8.66 -9.43
C GLU B 299 -3.78 7.31 -9.80
N ASN B 300 -4.38 7.27 -10.99
CA ASN B 300 -4.96 6.05 -11.55
C ASN B 300 -5.96 5.41 -10.58
N GLY B 301 -6.75 6.26 -9.92
CA GLY B 301 -7.73 5.78 -8.97
C GLY B 301 -7.15 5.15 -7.72
N ALA B 302 -5.95 5.56 -7.33
CA ALA B 302 -5.30 5.04 -6.14
C ALA B 302 -4.65 6.17 -5.36
N ILE B 303 -4.46 5.94 -4.07
CA ILE B 303 -3.84 6.90 -3.17
C ILE B 303 -2.43 6.41 -2.84
N ARG B 304 -1.43 7.22 -3.17
CA ARG B 304 -0.04 6.91 -2.91
C ARG B 304 0.45 7.73 -1.73
N ILE B 305 1.09 7.08 -0.77
CA ILE B 305 1.61 7.73 0.42
C ILE B 305 3.11 7.93 0.24
N TYR B 306 3.57 9.17 0.33
CA TYR B 306 4.99 9.47 0.19
C TYR B 306 5.43 10.43 1.28
N LYS B 307 6.65 10.24 1.77
CA LYS B 307 7.18 11.01 2.88
C LYS B 307 8.04 12.15 2.36
N THR B 308 7.79 13.36 2.86
CA THR B 308 8.58 14.51 2.46
C THR B 308 10.01 14.38 2.96
N GLY B 309 10.96 14.81 2.13
CA GLY B 309 12.36 14.67 2.45
C GLY B 309 13.06 13.63 1.61
N ASN B 310 13.90 12.80 2.24
CA ASN B 310 14.56 11.72 1.51
C ASN B 310 13.58 10.60 1.19
N PRO B 311 13.43 10.22 -0.08
CA PRO B 311 12.44 9.18 -0.41
C PRO B 311 12.82 7.80 0.09
N HIS B 312 14.12 7.52 0.26
CA HIS B 312 14.56 6.18 0.64
C HIS B 312 14.26 5.85 2.10
N SER B 313 13.82 6.82 2.90
CA SER B 313 13.59 6.55 4.32
C SER B 313 12.36 5.68 4.53
N CYS B 314 11.26 6.00 3.86
CA CYS B 314 9.99 5.31 4.06
C CYS B 314 9.54 4.66 2.76
N LYS B 315 9.07 3.41 2.86
CA LYS B 315 8.61 2.68 1.69
C LYS B 315 7.31 3.28 1.15
N VAL B 316 7.15 3.20 -0.17
CA VAL B 316 5.97 3.73 -0.83
C VAL B 316 4.82 2.75 -0.66
N LYS B 317 3.62 3.29 -0.39
CA LYS B 317 2.43 2.49 -0.17
C LYS B 317 1.30 2.98 -1.07
N ILE B 318 0.55 2.04 -1.63
CA ILE B 318 -0.55 2.33 -2.55
C ILE B 318 -1.81 1.72 -1.99
N VAL B 319 -2.86 2.54 -1.87
CA VAL B 319 -4.18 2.12 -1.42
C VAL B 319 -5.13 2.22 -2.62
N PRO B 320 -5.69 1.10 -3.09
CA PRO B 320 -6.63 1.09 -4.22
C PRO B 320 -8.04 1.50 -3.82
N ASP C 2 -5.24 3.70 41.89
CA ASP C 2 -6.49 3.43 42.59
C ASP C 2 -7.11 4.71 43.13
N ALA C 3 -7.74 5.49 42.26
CA ALA C 3 -8.39 6.72 42.71
C ALA C 3 -9.53 6.42 43.68
N ALA C 4 -10.44 5.52 43.28
CA ALA C 4 -11.46 4.98 44.17
C ALA C 4 -12.38 6.03 44.74
N ILE C 5 -11.84 6.93 45.57
CA ILE C 5 -12.67 7.85 46.35
C ILE C 5 -13.40 8.83 45.44
N ARG C 6 -12.69 9.44 44.50
CA ARG C 6 -13.27 10.53 43.73
C ARG C 6 -14.07 9.95 42.58
N GLY C 7 -15.37 10.20 42.57
CA GLY C 7 -16.27 9.59 41.60
C GLY C 7 -16.57 10.55 40.45
N ASN C 8 -16.55 10.01 39.24
CA ASN C 8 -16.76 10.78 38.02
C ASN C 8 -18.21 10.59 37.59
N ASP C 9 -19.03 11.60 37.83
CA ASP C 9 -20.39 11.62 37.33
C ASP C 9 -20.66 12.76 36.35
N VAL C 10 -19.74 13.71 36.21
CA VAL C 10 -19.90 14.82 35.28
C VAL C 10 -19.52 14.35 33.89
N ILE C 11 -20.32 14.75 32.90
CA ILE C 11 -20.13 14.34 31.51
C ILE C 11 -19.63 15.54 30.72
N PHE C 12 -18.49 15.38 30.05
CA PHE C 12 -17.90 16.43 29.23
C PHE C 12 -18.32 16.22 27.78
N VAL C 13 -18.98 17.23 27.21
CA VAL C 13 -19.61 17.11 25.90
C VAL C 13 -19.11 18.23 24.99
N LEU C 14 -18.85 17.86 23.74
CA LEU C 14 -18.49 18.78 22.67
C LEU C 14 -19.65 18.86 21.68
N LYS C 15 -19.86 20.06 21.12
CA LYS C 15 -21.01 20.33 20.26
C LYS C 15 -20.61 20.59 18.82
N THR C 16 -19.39 20.26 18.42
CA THR C 16 -18.95 20.51 17.04
C THR C 16 -17.80 19.58 16.70
N ILE C 17 -17.98 18.79 15.64
CA ILE C 17 -16.87 18.00 15.11
C ILE C 17 -15.89 18.93 14.40
N GLY C 18 -14.60 18.67 14.60
CA GLY C 18 -13.59 19.56 14.06
C GLY C 18 -13.66 20.95 14.65
N VAL C 19 -13.89 21.05 15.96
CA VAL C 19 -14.00 22.37 16.60
C VAL C 19 -12.67 23.09 16.53
N PRO C 20 -12.65 24.40 16.26
CA PRO C 20 -11.37 25.12 16.26
C PRO C 20 -10.70 25.05 17.62
N SER C 21 -9.37 24.91 17.60
CA SER C 21 -8.60 24.78 18.83
C SER C 21 -8.56 26.06 19.65
N ALA C 22 -8.98 27.20 19.09
CA ALA C 22 -8.94 28.45 19.82
C ALA C 22 -9.99 28.45 20.94
N CYS C 23 -11.26 28.37 20.57
CA CYS C 23 -12.35 28.36 21.55
C CYS C 23 -12.76 26.95 21.94
N ARG C 24 -11.79 26.14 22.36
CA ARG C 24 -12.04 24.80 22.87
C ARG C 24 -11.60 24.63 24.31
N GLN C 25 -10.37 25.06 24.63
CA GLN C 25 -9.89 25.03 26.01
C GLN C 25 -10.31 26.26 26.80
N ASN C 26 -10.95 27.23 26.15
CA ASN C 26 -11.40 28.45 26.81
C ASN C 26 -12.81 28.32 27.36
N GLU C 27 -13.39 27.12 27.31
CA GLU C 27 -14.74 26.85 27.82
C GLU C 27 -15.78 27.70 27.11
N ASP C 28 -15.83 27.55 25.79
CA ASP C 28 -16.82 28.24 24.97
C ASP C 28 -18.18 27.57 25.14
N PRO C 29 -19.23 28.31 25.53
CA PRO C 29 -20.54 27.68 25.72
C PRO C 29 -21.12 27.08 24.45
N ARG C 30 -20.65 27.48 23.27
CA ARG C 30 -21.14 26.93 22.02
C ARG C 30 -20.44 25.67 21.59
N PHE C 31 -19.38 25.24 22.29
CA PHE C 31 -18.62 24.07 21.88
C PHE C 31 -18.38 23.08 23.01
N VAL C 32 -18.35 23.56 24.26
CA VAL C 32 -17.95 22.75 25.40
C VAL C 32 -18.98 22.90 26.50
N GLU C 33 -19.41 21.78 27.07
CA GLU C 33 -20.29 21.81 28.24
C GLU C 33 -19.97 20.65 29.17
N ALA C 34 -20.35 20.83 30.44
CA ALA C 34 -20.20 19.81 31.47
C ALA C 34 -21.57 19.60 32.11
N PHE C 35 -22.20 18.47 31.79
CA PHE C 35 -23.56 18.19 32.22
C PHE C 35 -23.57 17.04 33.23
N LYS C 36 -24.77 16.67 33.67
CA LYS C 36 -24.95 15.54 34.59
C LYS C 36 -26.06 14.63 34.10
N CYS C 37 -26.44 13.65 34.94
CA CYS C 37 -27.41 12.64 34.52
C CYS C 37 -28.77 13.25 34.24
N ASP C 38 -29.24 14.15 35.12
CA ASP C 38 -30.59 14.67 35.00
C ASP C 38 -30.70 15.73 33.89
N GLU C 39 -29.65 16.51 33.66
CA GLU C 39 -29.74 17.62 32.72
C GLU C 39 -29.67 17.19 31.27
N LEU C 40 -29.14 15.99 30.98
CA LEU C 40 -28.88 15.60 29.60
C LEU C 40 -30.19 15.38 28.82
N GLU C 41 -31.13 14.64 29.43
CA GLU C 41 -32.41 14.42 28.75
C GLU C 41 -33.21 15.71 28.63
N ARG C 42 -33.12 16.60 29.62
CA ARG C 42 -33.79 17.90 29.50
C ARG C 42 -33.20 18.71 28.36
N TYR C 43 -31.87 18.69 28.21
CA TYR C 43 -31.24 19.37 27.08
C TYR C 43 -31.67 18.77 25.75
N ILE C 44 -31.77 17.44 25.69
CA ILE C 44 -32.21 16.77 24.47
C ILE C 44 -33.64 17.18 24.13
N ASP C 45 -34.51 17.24 25.14
CA ASP C 45 -35.89 17.67 24.91
C ASP C 45 -35.95 19.12 24.45
N ASN C 46 -35.13 20.00 25.05
CA ASN C 46 -35.17 21.41 24.70
C ASN C 46 -34.70 21.65 23.27
N ASN C 47 -33.66 20.96 22.83
CA ASN C 47 -33.12 21.14 21.49
C ASN C 47 -33.46 19.93 20.63
N PRO C 48 -34.41 20.04 19.70
CA PRO C 48 -34.75 18.87 18.87
C PRO C 48 -33.61 18.39 17.99
N GLU C 49 -32.76 19.29 17.52
CA GLU C 49 -31.61 18.93 16.69
C GLU C 49 -30.33 19.30 17.43
N CYS C 50 -29.40 18.35 17.49
CA CYS C 50 -28.14 18.58 18.20
C CYS C 50 -27.13 17.54 17.73
N THR C 51 -25.86 17.84 18.01
CA THR C 51 -24.75 16.92 17.75
C THR C 51 -23.82 16.97 18.95
N LEU C 52 -23.81 15.90 19.74
CA LEU C 52 -23.07 15.87 21.00
C LEU C 52 -22.10 14.70 21.00
N PHE C 53 -20.83 15.00 21.30
CA PHE C 53 -19.78 14.00 21.42
C PHE C 53 -19.22 14.01 22.83
N GLU C 54 -18.72 12.88 23.27
CA GLU C 54 -18.19 12.74 24.63
C GLU C 54 -16.68 12.86 24.64
N SER C 55 -16.16 13.41 25.74
CA SER C 55 -14.71 13.54 25.91
C SER C 55 -14.41 13.59 27.40
N LEU C 56 -13.12 13.69 27.73
CA LEU C 56 -12.64 13.77 29.10
C LEU C 56 -12.29 15.21 29.45
N ARG C 57 -12.35 15.51 30.74
CA ARG C 57 -11.98 16.85 31.21
C ARG C 57 -10.52 17.16 30.89
N ASP C 58 -9.60 16.40 31.49
CA ASP C 58 -8.17 16.56 31.27
C ASP C 58 -7.53 15.19 31.31
N GLU C 59 -6.97 14.75 30.18
CA GLU C 59 -6.37 13.43 30.11
C GLU C 59 -5.15 13.32 31.02
N GLU C 60 -4.47 14.44 31.28
CA GLU C 60 -3.32 14.42 32.17
C GLU C 60 -3.72 14.08 33.60
N ALA C 61 -4.81 14.68 34.08
CA ALA C 61 -5.24 14.45 35.46
C ALA C 61 -6.03 13.15 35.58
N TYR C 62 -7.17 13.06 34.90
CA TYR C 62 -8.05 11.89 34.95
C TYR C 62 -8.07 11.22 33.58
N SER C 63 -7.77 9.93 33.57
CA SER C 63 -7.80 9.13 32.35
C SER C 63 -8.38 7.75 32.63
N ILE C 64 -9.39 7.69 33.49
CA ILE C 64 -10.03 6.42 33.85
C ILE C 64 -11.32 6.30 33.07
N VAL C 65 -11.40 5.30 32.19
CA VAL C 65 -12.52 5.08 31.31
C VAL C 65 -12.93 3.60 31.40
N ARG C 66 -13.91 3.24 30.60
CA ARG C 66 -14.38 1.87 30.46
C ARG C 66 -13.93 1.32 29.11
N ILE C 67 -13.78 0.00 29.04
CA ILE C 67 -13.45 -0.68 27.80
C ILE C 67 -14.67 -0.69 26.89
N PHE C 68 -14.50 -0.24 25.65
CA PHE C 68 -15.59 -0.14 24.71
C PHE C 68 -15.11 -0.48 23.32
N MET C 69 -16.04 -0.92 22.47
CA MET C 69 -15.74 -1.26 21.08
C MET C 69 -16.85 -0.73 20.18
N ASP C 70 -16.50 -0.45 18.93
CA ASP C 70 -17.44 -0.05 17.91
C ASP C 70 -17.22 -0.98 16.72
N VAL C 71 -18.30 -1.58 16.22
CA VAL C 71 -18.20 -2.55 15.13
C VAL C 71 -18.98 -2.01 13.94
N ASP C 72 -18.30 -1.86 12.80
CA ASP C 72 -18.94 -1.46 11.56
C ASP C 72 -18.16 -1.96 10.35
N LEU C 83 -27.56 -13.74 17.54
CA LEU C 83 -27.37 -13.79 18.99
C LEU C 83 -26.17 -14.66 19.36
N THR C 84 -25.99 -15.76 18.63
CA THR C 84 -24.84 -16.62 18.87
C THR C 84 -23.55 -15.96 18.43
N ALA C 85 -23.59 -15.15 17.36
CA ALA C 85 -22.39 -14.49 16.88
C ALA C 85 -21.81 -13.56 17.93
N ILE C 86 -22.65 -12.68 18.49
CA ILE C 86 -22.17 -11.80 19.55
C ILE C 86 -21.83 -12.60 20.81
N GLN C 87 -22.51 -13.73 21.04
CA GLN C 87 -22.20 -14.56 22.19
C GLN C 87 -20.77 -15.10 22.12
N ASP C 88 -20.35 -15.55 20.94
CA ASP C 88 -18.97 -16.00 20.78
C ASP C 88 -18.00 -14.82 20.72
N PHE C 89 -18.44 -13.70 20.15
CA PHE C 89 -17.58 -12.51 20.06
C PHE C 89 -17.20 -11.99 21.43
N ILE C 90 -18.16 -11.95 22.35
CA ILE C 90 -17.87 -11.44 23.69
C ILE C 90 -16.88 -12.34 24.41
N ILE C 91 -17.03 -13.66 24.28
CA ILE C 91 -16.11 -14.60 24.92
C ILE C 91 -14.72 -14.44 24.32
N GLU C 92 -14.62 -14.32 23.00
CA GLU C 92 -13.32 -14.16 22.36
C GLU C 92 -12.64 -12.88 22.80
N VAL C 93 -13.39 -11.77 22.84
CA VAL C 93 -12.81 -10.50 23.28
C VAL C 93 -12.37 -10.58 24.73
N SER C 94 -13.18 -11.20 25.58
CA SER C 94 -12.83 -11.32 26.99
C SER C 94 -11.55 -12.13 27.15
N ASN C 95 -11.42 -13.24 26.42
CA ASN C 95 -10.18 -14.02 26.49
C ASN C 95 -8.99 -13.21 25.98
N CYS C 96 -9.18 -12.47 24.89
CA CYS C 96 -8.06 -11.71 24.32
C CYS C 96 -7.56 -10.65 25.29
N VAL C 97 -8.48 -9.92 25.93
CA VAL C 97 -8.05 -8.90 26.89
C VAL C 97 -7.52 -9.54 28.17
N ALA C 98 -8.07 -10.69 28.57
CA ALA C 98 -7.57 -11.36 29.77
C ALA C 98 -6.15 -11.89 29.56
N ARG C 99 -5.80 -12.21 28.32
CA ARG C 99 -4.42 -12.59 28.03
C ARG C 99 -3.45 -11.48 28.42
N PHE C 100 -3.75 -10.25 28.03
CA PHE C 100 -2.93 -9.11 28.44
C PHE C 100 -3.04 -8.86 29.94
N ALA C 101 -4.24 -9.00 30.50
CA ALA C 101 -4.42 -8.76 31.93
C ALA C 101 -3.54 -9.67 32.76
N PHE C 102 -3.42 -10.93 32.35
CA PHE C 102 -2.53 -11.86 33.03
C PHE C 102 -1.08 -11.74 32.57
N THR C 103 -0.83 -11.09 31.43
CA THR C 103 0.53 -10.99 30.90
C THR C 103 1.43 -10.19 31.84
N GLU C 104 1.14 -8.91 32.01
CA GLU C 104 1.96 -8.04 32.85
C GLU C 104 1.16 -7.16 33.79
N CYS C 105 -0.16 -7.07 33.62
CA CYS C 105 -0.97 -6.12 34.38
C CYS C 105 -0.93 -6.37 35.88
N GLY C 106 -0.55 -7.56 36.31
CA GLY C 106 -0.61 -7.90 37.72
C GLY C 106 -2.01 -8.18 38.20
N ALA C 107 -2.95 -8.41 37.30
CA ALA C 107 -4.35 -8.61 37.64
C ALA C 107 -4.65 -10.11 37.76
N ILE C 108 -5.91 -10.45 37.91
CA ILE C 108 -6.37 -11.83 38.01
C ILE C 108 -7.32 -12.11 36.85
N HIS C 109 -7.06 -13.21 36.13
CA HIS C 109 -7.89 -13.57 34.99
C HIS C 109 -9.33 -13.86 35.41
N GLU C 110 -9.51 -14.53 36.55
CA GLU C 110 -10.84 -14.86 37.02
C GLU C 110 -11.67 -13.61 37.29
N ASN C 111 -11.06 -12.60 37.91
CA ASN C 111 -11.77 -11.36 38.16
C ASN C 111 -12.17 -10.67 36.86
N VAL C 112 -11.27 -10.68 35.87
CA VAL C 112 -11.56 -10.04 34.59
C VAL C 112 -12.73 -10.74 33.91
N ILE C 113 -12.70 -12.06 33.85
CA ILE C 113 -13.76 -12.78 33.16
C ILE C 113 -15.08 -12.67 33.91
N LYS C 114 -15.04 -12.61 35.24
CA LYS C 114 -16.26 -12.39 36.01
C LYS C 114 -16.83 -11.00 35.75
N SER C 115 -15.96 -9.99 35.66
CA SER C 115 -16.43 -8.63 35.43
C SER C 115 -17.03 -8.48 34.04
N MET C 116 -16.40 -9.08 33.03
CA MET C 116 -16.85 -8.92 31.65
C MET C 116 -18.01 -9.84 31.28
N ARG C 117 -18.45 -10.71 32.19
CA ARG C 117 -19.44 -11.72 31.86
C ARG C 117 -20.84 -11.13 31.99
N SER C 118 -21.61 -11.20 30.90
CA SER C 118 -23.04 -10.89 30.85
C SER C 118 -23.37 -9.47 31.28
N ASN C 119 -22.39 -8.57 31.36
CA ASN C 119 -22.61 -7.17 31.72
C ASN C 119 -22.14 -6.31 30.55
N PHE C 120 -23.07 -5.94 29.68
CA PHE C 120 -22.76 -5.22 28.46
C PHE C 120 -24.01 -4.48 28.01
N SER C 121 -23.87 -3.68 26.95
CA SER C 121 -25.00 -3.03 26.32
C SER C 121 -24.86 -3.14 24.81
N LEU C 122 -25.97 -2.90 24.12
CA LEU C 122 -26.02 -2.95 22.67
C LEU C 122 -26.72 -1.71 22.15
N THR C 123 -26.47 -1.40 20.88
CA THR C 123 -27.03 -0.19 20.27
C THR C 123 -27.10 -0.39 18.77
N LYS C 124 -28.29 -0.24 18.20
CA LYS C 124 -28.51 -0.42 16.76
C LYS C 124 -28.64 0.94 16.10
N SER C 125 -27.86 1.15 15.04
CA SER C 125 -27.90 2.42 14.31
C SER C 125 -29.21 2.60 13.57
N SER C 132 -22.74 -1.94 12.68
CA SER C 132 -22.41 -0.66 13.30
C SER C 132 -23.06 -0.53 14.66
N PHE C 133 -22.53 -1.24 15.64
CA PHE C 133 -23.05 -1.24 17.00
C PHE C 133 -21.93 -0.98 18.00
N HIS C 134 -22.29 -0.36 19.11
CA HIS C 134 -21.35 0.04 20.15
C HIS C 134 -21.54 -0.85 21.38
N ILE C 135 -20.44 -1.36 21.92
CA ILE C 135 -20.45 -2.17 23.12
C ILE C 135 -19.67 -1.42 24.20
N ILE C 136 -20.30 -1.23 25.36
CA ILE C 136 -19.65 -0.71 26.54
C ILE C 136 -19.89 -1.69 27.69
N PHE C 137 -18.85 -1.97 28.46
CA PHE C 137 -18.91 -2.89 29.58
C PHE C 137 -19.11 -2.09 30.86
N LEU C 138 -20.19 -2.36 31.57
CA LEU C 138 -20.60 -1.53 32.71
C LEU C 138 -19.60 -1.61 33.85
N ASP C 139 -19.10 -2.80 34.16
CA ASP C 139 -18.32 -3.05 35.37
C ASP C 139 -16.85 -3.31 35.07
N THR C 140 -16.30 -2.63 34.07
CA THR C 140 -14.89 -2.75 33.71
C THR C 140 -14.29 -1.34 33.62
N TYR C 141 -13.32 -1.05 34.47
CA TYR C 141 -12.69 0.27 34.53
C TYR C 141 -11.18 0.12 34.37
N THR C 142 -10.61 0.92 33.49
CA THR C 142 -9.17 0.91 33.26
C THR C 142 -8.74 2.34 32.91
N THR C 143 -7.48 2.50 32.51
CA THR C 143 -6.93 3.79 32.16
C THR C 143 -6.58 3.81 30.67
N MET C 144 -6.74 4.98 30.04
CA MET C 144 -6.71 5.08 28.57
C MET C 144 -5.41 4.61 27.95
N ASP C 145 -4.28 4.65 28.68
CA ASP C 145 -3.03 4.17 28.10
C ASP C 145 -3.11 2.68 27.80
N THR C 146 -3.88 1.93 28.58
CA THR C 146 -4.10 0.52 28.28
C THR C 146 -4.83 0.37 26.95
N LEU C 147 -5.83 1.21 26.69
CA LEU C 147 -6.51 1.17 25.40
C LEU C 147 -5.56 1.54 24.26
N ILE C 148 -4.71 2.55 24.47
CA ILE C 148 -3.79 2.95 23.41
C ILE C 148 -2.70 1.91 23.19
N ALA C 149 -2.45 1.05 24.18
CA ALA C 149 -1.37 0.07 24.03
C ALA C 149 -1.76 -1.06 23.08
N MET C 150 -2.98 -1.58 23.19
CA MET C 150 -3.39 -2.76 22.43
C MET C 150 -4.44 -2.46 21.37
N LYS C 151 -4.29 -1.36 20.64
CA LYS C 151 -4.99 -1.25 19.37
C LYS C 151 -4.39 -2.21 18.35
N ARG C 152 -3.06 -2.38 18.38
CA ARG C 152 -2.40 -3.30 17.46
C ARG C 152 -2.74 -4.75 17.78
N THR C 153 -2.87 -5.09 19.06
CA THR C 153 -3.24 -6.45 19.42
C THR C 153 -4.65 -6.78 18.93
N LEU C 154 -5.58 -5.84 19.10
CA LEU C 154 -6.94 -6.04 18.59
C LEU C 154 -6.94 -6.15 17.07
N LEU C 155 -6.13 -5.33 16.39
CA LEU C 155 -6.06 -5.42 14.93
C LEU C 155 -5.50 -6.77 14.50
N GLU C 156 -4.48 -7.27 15.19
CA GLU C 156 -3.93 -8.58 14.86
C GLU C 156 -4.96 -9.69 15.10
N LEU C 157 -5.72 -9.59 16.19
CA LEU C 157 -6.78 -10.56 16.44
C LEU C 157 -7.82 -10.54 15.34
N SER C 158 -8.22 -9.33 14.91
CA SER C 158 -9.22 -9.23 13.85
C SER C 158 -8.69 -9.77 12.52
N ARG C 159 -7.42 -9.51 12.22
CA ARG C 159 -6.86 -9.97 10.94
C ARG C 159 -6.66 -11.48 10.92
N SER C 160 -6.11 -12.04 12.01
CA SER C 160 -5.83 -13.48 12.03
C SER C 160 -7.12 -14.29 11.97
N SER C 161 -8.14 -13.90 12.71
CA SER C 161 -9.39 -14.63 12.75
C SER C 161 -10.32 -14.18 11.63
N GLU C 162 -11.30 -15.04 11.32
CA GLU C 162 -12.31 -14.75 10.31
C GLU C 162 -13.71 -14.77 10.90
N ASN C 163 -13.83 -14.37 12.16
CA ASN C 163 -15.12 -14.35 12.82
C ASN C 163 -16.03 -13.28 12.18
N PRO C 164 -17.36 -13.47 12.25
CA PRO C 164 -18.27 -12.54 11.56
C PRO C 164 -18.13 -11.10 12.03
N LEU C 165 -18.30 -10.86 13.33
CA LEU C 165 -18.31 -9.51 13.86
C LEU C 165 -16.92 -8.98 14.20
N THR C 166 -15.94 -9.87 14.37
CA THR C 166 -14.58 -9.43 14.65
C THR C 166 -13.91 -8.83 13.42
N ARG C 167 -14.34 -9.22 12.21
CA ARG C 167 -13.70 -8.77 10.99
C ARG C 167 -13.80 -7.27 10.79
N SER C 168 -14.77 -6.60 11.41
CA SER C 168 -14.97 -5.18 11.17
C SER C 168 -14.82 -4.37 12.46
N ILE C 169 -13.76 -4.65 13.22
CA ILE C 169 -13.46 -3.91 14.44
C ILE C 169 -12.56 -2.72 14.07
N ASP C 170 -12.96 -1.52 14.51
CA ASP C 170 -12.23 -0.29 14.20
C ASP C 170 -11.38 0.07 15.40
N THR C 171 -10.06 0.03 15.22
CA THR C 171 -9.11 0.42 16.26
C THR C 171 -8.74 1.89 16.23
N ALA C 172 -9.26 2.65 15.24
CA ALA C 172 -8.94 4.07 15.15
C ALA C 172 -9.63 4.90 16.21
N VAL C 173 -10.61 4.34 16.93
CA VAL C 173 -11.30 5.09 17.98
C VAL C 173 -10.41 5.28 19.21
N TYR C 174 -9.40 4.44 19.39
CA TYR C 174 -8.49 4.55 20.54
C TYR C 174 -7.42 5.59 20.20
N ARG C 175 -7.47 6.72 20.89
CA ARG C 175 -6.54 7.82 20.65
C ARG C 175 -6.61 8.77 21.85
N ARG C 176 -5.93 9.90 21.73
CA ARG C 176 -6.01 10.96 22.73
C ARG C 176 -7.07 11.96 22.31
N LYS C 177 -7.77 12.53 23.30
CA LYS C 177 -8.89 13.43 23.07
C LYS C 177 -9.96 12.75 22.21
N THR C 178 -10.35 11.55 22.62
CA THR C 178 -11.28 10.75 21.84
C THR C 178 -12.69 11.34 21.90
N THR C 179 -13.51 10.91 20.95
CA THR C 179 -14.91 11.33 20.87
C THR C 179 -15.78 10.09 20.65
N LEU C 180 -16.83 9.98 21.45
CA LEU C 180 -17.82 8.91 21.30
C LEU C 180 -19.19 9.55 21.19
N ARG C 181 -19.90 9.26 20.10
CA ARG C 181 -21.20 9.87 19.84
C ARG C 181 -22.21 9.42 20.89
N VAL C 182 -22.96 10.38 21.43
CA VAL C 182 -23.98 10.10 22.42
C VAL C 182 -25.21 9.49 21.73
N VAL C 183 -25.83 8.51 22.38
CA VAL C 183 -27.02 7.90 21.82
C VAL C 183 -28.14 8.93 21.73
N GLY C 184 -28.85 8.93 20.61
CA GLY C 184 -29.91 9.88 20.36
C GLY C 184 -29.46 11.20 19.78
N THR C 185 -28.17 11.39 19.56
CA THR C 185 -27.64 12.62 18.98
C THR C 185 -27.13 12.31 17.57
N ARG C 186 -27.65 13.04 16.58
CA ARG C 186 -27.28 12.81 15.19
C ARG C 186 -25.91 13.40 14.89
N LYS C 187 -25.24 12.81 13.91
CA LYS C 187 -23.94 13.32 13.48
C LYS C 187 -24.07 14.73 12.91
N ASN C 188 -25.10 14.95 12.08
CA ASN C 188 -25.40 16.27 11.54
C ASN C 188 -26.90 16.39 11.40
N PRO C 189 -27.45 17.61 11.44
CA PRO C 189 -28.90 17.77 11.20
C PRO C 189 -29.34 17.26 9.85
N ASN C 190 -28.47 17.31 8.84
CA ASN C 190 -28.83 16.81 7.53
C ASN C 190 -29.08 15.30 7.56
N CYS C 191 -28.26 14.56 8.28
CA CYS C 191 -28.41 13.11 8.36
C CYS C 191 -29.63 12.75 9.21
N ASP C 192 -30.21 11.59 8.90
CA ASP C 192 -31.39 11.09 9.60
C ASP C 192 -31.10 9.74 10.27
N THR C 193 -29.86 9.51 10.67
CA THR C 193 -29.45 8.27 11.31
C THR C 193 -29.17 8.52 12.78
N ILE C 194 -29.84 7.75 13.64
CA ILE C 194 -29.68 7.86 15.08
C ILE C 194 -29.42 6.48 15.66
N HIS C 195 -28.94 6.46 16.89
CA HIS C 195 -28.69 5.22 17.62
C HIS C 195 -29.96 4.84 18.38
N VAL C 196 -30.51 3.66 18.06
CA VAL C 196 -31.68 3.13 18.76
C VAL C 196 -31.21 2.32 19.94
N MET C 197 -31.68 2.66 21.13
CA MET C 197 -31.25 1.99 22.34
C MET C 197 -31.81 0.57 22.41
N GLN C 198 -30.97 -0.36 22.87
CA GLN C 198 -31.32 -1.77 22.96
C GLN C 198 -31.64 -2.16 24.39
N PRO C 199 -32.69 -2.96 24.60
CA PRO C 199 -33.06 -3.38 25.96
C PRO C 199 -31.98 -4.24 26.58
N PRO C 200 -31.98 -4.39 27.91
CA PRO C 200 -32.92 -3.83 28.89
C PRO C 200 -32.47 -2.48 29.44
N HIS C 201 -31.34 -1.96 28.97
CA HIS C 201 -30.84 -0.69 29.48
C HIS C 201 -31.71 0.46 28.99
N ASP C 202 -32.06 1.35 29.92
CA ASP C 202 -32.87 2.53 29.62
C ASP C 202 -32.17 3.84 29.93
N ASN C 203 -31.52 3.95 31.09
CA ASN C 203 -30.91 5.20 31.50
C ASN C 203 -29.65 5.49 30.68
N ILE C 204 -29.35 6.78 30.52
CA ILE C 204 -28.18 7.19 29.77
C ILE C 204 -26.89 6.77 30.47
N GLU C 205 -26.92 6.62 31.79
CA GLU C 205 -25.72 6.27 32.54
C GLU C 205 -25.19 4.88 32.17
N ASP C 206 -25.99 4.07 31.49
CA ASP C 206 -25.55 2.76 31.03
C ASP C 206 -24.82 2.83 29.69
N TYR C 207 -24.59 4.03 29.16
CA TYR C 207 -23.90 4.19 27.89
C TYR C 207 -22.84 5.29 27.95
N LEU C 208 -22.28 5.54 29.13
CA LEU C 208 -21.33 6.62 29.34
C LEU C 208 -19.97 5.99 29.64
N PHE C 209 -19.00 6.16 28.73
CA PHE C 209 -17.69 5.56 28.95
C PHE C 209 -16.78 6.42 29.82
N THR C 210 -17.23 7.61 30.20
CA THR C 210 -16.55 8.42 31.21
C THR C 210 -17.16 8.25 32.60
N TYR C 211 -18.14 7.36 32.75
CA TYR C 211 -18.79 7.10 34.03
C TYR C 211 -17.99 6.07 34.81
N VAL C 212 -17.77 6.34 36.09
CA VAL C 212 -16.94 5.50 36.95
C VAL C 212 -17.68 5.23 38.25
N ASP C 213 -17.67 3.98 38.69
CA ASP C 213 -18.31 3.59 39.94
C ASP C 213 -17.56 2.39 40.52
N MET C 214 -18.02 1.94 41.69
CA MET C 214 -17.42 0.79 42.36
C MET C 214 -18.52 0.08 43.15
N ASN C 215 -18.89 -1.12 42.74
CA ASN C 215 -20.03 -1.85 43.29
C ASN C 215 -19.61 -3.18 43.92
N ASN C 216 -18.42 -3.20 44.53
CA ASN C 216 -17.84 -4.37 45.19
C ASN C 216 -17.95 -5.67 44.38
N ASN C 217 -18.02 -5.54 43.05
CA ASN C 217 -17.93 -6.69 42.16
C ASN C 217 -17.06 -6.43 40.93
N SER C 218 -16.83 -5.18 40.54
CA SER C 218 -16.06 -4.86 39.35
C SER C 218 -14.57 -5.08 39.62
N TYR C 219 -13.75 -4.74 38.63
CA TYR C 219 -12.32 -4.87 38.78
C TYR C 219 -11.63 -3.75 38.00
N TYR C 220 -10.46 -3.35 38.49
CA TYR C 220 -9.65 -2.30 37.88
C TYR C 220 -8.28 -2.86 37.53
N PHE C 221 -7.82 -2.59 36.31
CA PHE C 221 -6.50 -3.05 35.89
C PHE C 221 -5.85 -2.01 34.99
N SER C 222 -4.52 -1.93 35.08
CA SER C 222 -3.71 -1.08 34.24
C SER C 222 -2.32 -1.71 34.18
N LEU C 223 -1.37 -0.99 33.56
CA LEU C 223 -0.01 -1.51 33.46
C LEU C 223 0.58 -1.79 34.83
N GLN C 224 0.32 -0.90 35.78
CA GLN C 224 0.55 -1.16 37.21
C GLN C 224 2.02 -1.35 37.54
N ARG C 225 2.91 -1.17 36.55
CA ARG C 225 4.35 -1.22 36.80
C ARG C 225 5.02 0.12 36.51
N ARG C 226 4.22 1.20 36.46
CA ARG C 226 4.71 2.57 36.42
C ARG C 226 5.59 2.83 35.19
N LEU C 227 4.95 2.75 34.04
CA LEU C 227 5.58 3.09 32.76
C LEU C 227 4.85 4.25 32.13
N GLU C 228 5.59 5.19 31.57
CA GLU C 228 5.02 6.35 30.87
C GLU C 228 4.97 6.08 29.38
N ASP C 229 4.14 5.10 29.02
CA ASP C 229 4.02 4.62 27.64
C ASP C 229 5.38 4.19 27.09
N LEU C 230 6.18 3.54 27.95
CA LEU C 230 7.50 3.04 27.57
C LEU C 230 7.52 1.52 27.50
N VAL C 231 6.37 0.89 27.29
CA VAL C 231 6.32 -0.57 27.18
C VAL C 231 7.16 -1.12 26.04
N PRO C 232 7.21 -0.51 24.81
CA PRO C 232 8.00 -1.15 23.76
C PRO C 232 9.49 -0.98 24.00
N ASP C 233 10.16 -2.05 24.41
CA ASP C 233 11.59 -2.02 24.65
C ASP C 233 12.37 -2.47 23.42
N LYS C 234 11.97 -3.60 22.83
CA LYS C 234 12.62 -4.11 21.63
C LYS C 234 11.68 -5.10 20.96
N LEU C 235 11.36 -4.87 19.69
CA LEU C 235 10.55 -5.78 18.88
C LEU C 235 11.51 -6.48 17.92
N TRP C 236 12.08 -7.60 18.37
CA TRP C 236 13.10 -8.29 17.58
C TRP C 236 12.48 -9.20 16.53
N GLU C 237 11.63 -8.63 15.66
CA GLU C 237 11.02 -9.29 14.50
C GLU C 237 10.52 -10.69 14.86
N PRO C 238 9.41 -10.79 15.60
CA PRO C 238 9.04 -12.08 16.21
C PRO C 238 8.65 -13.16 15.22
N GLY C 239 9.59 -13.54 14.37
CA GLY C 239 9.43 -14.69 13.50
C GLY C 239 10.36 -15.80 13.96
N PHE C 240 10.46 -15.98 15.27
CA PHE C 240 11.39 -16.91 15.89
C PHE C 240 10.84 -18.33 15.95
N ILE C 241 9.73 -18.61 15.26
CA ILE C 241 9.36 -19.98 14.97
C ILE C 241 10.37 -20.68 14.07
N SER C 242 11.42 -19.95 13.67
CA SER C 242 12.47 -20.37 12.74
C SER C 242 13.23 -21.62 13.18
N PHE C 243 12.92 -22.16 14.35
CA PHE C 243 13.67 -23.31 14.89
C PHE C 243 13.97 -24.35 13.80
N GLU C 244 12.93 -24.90 13.19
CA GLU C 244 13.11 -25.74 12.01
C GLU C 244 12.02 -25.55 10.96
N ASP C 245 11.11 -24.58 11.11
CA ASP C 245 10.04 -24.43 10.14
C ASP C 245 10.48 -23.58 8.95
N ALA C 246 10.79 -22.30 9.19
CA ALA C 246 11.10 -21.39 8.10
C ALA C 246 12.54 -21.53 7.62
N ILE C 247 13.48 -21.72 8.54
CA ILE C 247 14.88 -21.81 8.14
C ILE C 247 15.12 -23.09 7.34
N LYS C 248 14.38 -24.15 7.66
CA LYS C 248 14.47 -25.36 6.84
C LYS C 248 13.89 -25.11 5.46
N ARG C 249 12.86 -24.27 5.34
CA ARG C 249 12.39 -23.89 4.00
C ARG C 249 13.47 -23.13 3.24
N VAL C 250 14.18 -22.22 3.92
CA VAL C 250 15.26 -21.48 3.28
C VAL C 250 16.37 -22.43 2.82
N SER C 251 16.64 -23.47 3.62
CA SER C 251 17.61 -24.47 3.20
C SER C 251 17.05 -25.46 2.19
N LYS C 252 15.72 -25.54 2.07
CA LYS C 252 15.09 -26.41 1.09
C LYS C 252 15.17 -25.82 -0.31
N ILE C 253 15.01 -24.50 -0.44
CA ILE C 253 15.09 -23.93 -1.78
C ILE C 253 16.48 -24.11 -2.36
N PHE C 254 17.52 -24.12 -1.52
CA PHE C 254 18.89 -24.35 -1.96
C PHE C 254 19.18 -25.84 -1.84
N ILE C 255 19.27 -26.53 -2.97
CA ILE C 255 19.52 -27.98 -2.94
C ILE C 255 20.91 -28.27 -2.41
N ASN C 256 21.89 -27.42 -2.72
CA ASN C 256 23.25 -27.66 -2.28
C ASN C 256 23.39 -27.37 -0.79
N SER C 257 24.41 -28.01 -0.20
CA SER C 257 24.61 -27.93 1.25
C SER C 257 25.06 -26.53 1.67
N ILE C 258 24.62 -26.13 2.86
CA ILE C 258 25.01 -24.87 3.48
C ILE C 258 25.86 -25.19 4.70
N ILE C 259 26.98 -24.49 4.85
CA ILE C 259 27.93 -24.80 5.90
C ILE C 259 27.70 -23.99 7.17
N ASN C 260 27.17 -22.77 7.05
CA ASN C 260 26.98 -21.90 8.20
C ASN C 260 25.70 -22.23 8.97
N PHE C 261 24.95 -23.24 8.53
CA PHE C 261 23.67 -23.60 9.14
C PHE C 261 23.81 -24.17 10.55
N ASN C 262 25.04 -24.45 11.00
CA ASN C 262 25.23 -25.16 12.27
C ASN C 262 24.57 -24.44 13.44
N ASP C 263 24.76 -23.12 13.53
CA ASP C 263 24.21 -22.35 14.64
C ASP C 263 23.59 -21.06 14.13
N LEU C 264 22.27 -20.94 14.25
CA LEU C 264 21.54 -19.74 13.87
C LEU C 264 20.64 -19.29 15.00
N ASP C 265 20.41 -17.98 15.07
CA ASP C 265 19.54 -17.40 16.09
C ASP C 265 18.84 -16.20 15.49
N GLU C 266 17.73 -15.82 16.13
CA GLU C 266 16.97 -14.66 15.66
C GLU C 266 17.74 -13.35 15.84
N ASN C 267 18.69 -13.31 16.76
CA ASN C 267 19.47 -12.09 16.96
C ASN C 267 20.40 -11.83 15.77
N ASN C 268 21.14 -12.85 15.33
CA ASN C 268 21.97 -12.77 14.14
C ASN C 268 21.24 -13.24 12.89
N PHE C 269 19.91 -13.10 12.86
CA PHE C 269 19.11 -13.67 11.78
C PHE C 269 19.38 -12.95 10.46
N THR C 270 19.63 -11.65 10.50
CA THR C 270 19.85 -10.87 9.29
C THR C 270 21.30 -10.43 9.09
N THR C 271 22.07 -10.26 10.17
CA THR C 271 23.38 -9.63 10.04
C THR C 271 24.43 -10.56 9.45
N VAL C 272 24.28 -11.86 9.62
CA VAL C 272 25.34 -12.80 9.19
C VAL C 272 25.20 -13.05 7.69
N PRO C 273 26.28 -12.87 6.92
CA PRO C 273 26.26 -13.27 5.50
C PRO C 273 26.53 -14.76 5.36
N LEU C 274 25.50 -15.51 4.99
CA LEU C 274 25.63 -16.95 4.86
C LEU C 274 26.44 -17.29 3.61
N VAL C 275 27.36 -18.25 3.74
CA VAL C 275 28.20 -18.72 2.65
C VAL C 275 27.89 -20.19 2.44
N ILE C 276 27.50 -20.55 1.22
CA ILE C 276 27.15 -21.91 0.87
C ILE C 276 28.21 -22.50 -0.05
N ASP C 277 28.14 -23.80 -0.26
CA ASP C 277 29.04 -24.53 -1.15
C ASP C 277 28.25 -25.12 -2.30
N TYR C 278 28.90 -25.22 -3.46
CA TYR C 278 28.24 -25.66 -4.69
C TYR C 278 28.89 -26.94 -5.19
N VAL C 279 28.08 -27.98 -5.37
CA VAL C 279 28.50 -29.17 -6.11
C VAL C 279 27.63 -29.43 -7.33
N THR C 280 26.41 -28.90 -7.36
CA THR C 280 25.49 -28.91 -8.48
C THR C 280 25.20 -27.46 -8.85
N PRO C 281 24.74 -27.17 -10.07
CA PRO C 281 24.50 -25.78 -10.46
C PRO C 281 23.40 -25.14 -9.61
N CYS C 282 23.30 -23.82 -9.71
CA CYS C 282 22.51 -23.03 -8.79
C CYS C 282 21.03 -23.42 -8.86
N ALA C 283 20.32 -23.10 -7.78
CA ALA C 283 18.90 -23.40 -7.65
C ALA C 283 18.04 -22.25 -8.16
N LEU C 284 18.23 -21.05 -7.61
CA LEU C 284 17.44 -19.90 -8.03
C LEU C 284 17.68 -19.56 -9.50
N CYS C 285 18.93 -19.62 -9.94
CA CYS C 285 19.27 -19.35 -11.33
C CYS C 285 20.15 -20.47 -11.88
N LYS C 286 20.70 -20.28 -13.08
CA LYS C 286 21.60 -21.24 -13.69
C LYS C 286 22.96 -20.56 -13.86
N LYS C 287 23.78 -20.61 -12.81
CA LYS C 287 25.09 -19.98 -12.81
C LYS C 287 26.07 -20.95 -12.13
N ARG C 288 27.26 -20.43 -11.78
CA ARG C 288 28.31 -21.26 -11.21
C ARG C 288 28.84 -20.63 -9.93
N SER C 289 28.44 -21.20 -8.79
CA SER C 289 29.05 -21.02 -7.48
C SER C 289 28.78 -19.67 -6.82
N HIS C 290 28.19 -18.72 -7.56
CA HIS C 290 27.77 -17.44 -7.00
C HIS C 290 28.78 -16.87 -6.00
N LYS C 291 29.98 -16.50 -6.48
CA LYS C 291 31.11 -16.23 -5.59
C LYS C 291 30.76 -15.26 -4.48
N HIS C 292 30.00 -14.21 -4.78
CA HIS C 292 29.59 -13.27 -3.75
C HIS C 292 28.59 -13.96 -2.81
N PRO C 293 28.75 -13.82 -1.49
CA PRO C 293 27.86 -14.52 -0.57
C PRO C 293 26.42 -14.03 -0.68
N HIS C 294 25.48 -14.92 -0.36
CA HIS C 294 24.07 -14.60 -0.35
C HIS C 294 23.73 -13.79 0.90
N GLN C 295 22.48 -13.35 1.00
CA GLN C 295 22.03 -12.59 2.15
C GLN C 295 20.52 -12.68 2.28
N LEU C 296 20.05 -12.36 3.49
CA LEU C 296 18.67 -12.54 3.89
C LEU C 296 18.18 -11.27 4.58
N SER C 297 16.89 -10.98 4.39
CA SER C 297 16.27 -9.81 4.99
C SER C 297 14.82 -10.14 5.32
N LEU C 298 14.21 -9.31 6.17
CA LEU C 298 12.82 -9.48 6.57
C LEU C 298 12.07 -8.18 6.31
N GLU C 299 10.89 -8.29 5.71
CA GLU C 299 10.07 -7.11 5.45
C GLU C 299 8.61 -7.48 5.41
N ASN C 300 7.80 -6.81 6.24
CA ASN C 300 6.36 -7.03 6.32
C ASN C 300 6.04 -8.49 6.64
N GLY C 301 6.85 -9.09 7.51
CA GLY C 301 6.66 -10.49 7.84
C GLY C 301 7.00 -11.44 6.72
N ALA C 302 7.77 -10.99 5.73
CA ALA C 302 8.13 -11.79 4.57
C ALA C 302 9.64 -11.96 4.52
N ILE C 303 10.08 -13.21 4.41
CA ILE C 303 11.49 -13.54 4.28
C ILE C 303 11.92 -13.27 2.85
N ARG C 304 13.01 -12.55 2.68
CA ARG C 304 13.54 -12.21 1.36
C ARG C 304 14.99 -12.67 1.26
N ILE C 305 15.34 -13.26 0.13
CA ILE C 305 16.69 -13.79 -0.11
C ILE C 305 17.22 -13.16 -1.38
N TYR C 306 18.44 -12.62 -1.30
CA TYR C 306 19.04 -11.94 -2.44
C TYR C 306 20.56 -11.99 -2.31
N LYS C 307 21.24 -11.72 -3.41
CA LYS C 307 22.69 -11.83 -3.49
C LYS C 307 23.35 -10.48 -3.26
N THR C 308 24.38 -10.46 -2.41
CA THR C 308 25.17 -9.27 -2.19
C THR C 308 26.12 -9.03 -3.36
N GLY C 309 26.63 -7.80 -3.44
CA GLY C 309 27.49 -7.42 -4.54
C GLY C 309 26.70 -6.89 -5.71
N ASN C 310 26.43 -7.74 -6.70
CA ASN C 310 25.60 -7.38 -7.83
C ASN C 310 24.30 -8.17 -7.78
N PRO C 311 23.21 -7.59 -7.26
CA PRO C 311 21.97 -8.37 -7.14
C PRO C 311 21.38 -8.79 -8.46
N HIS C 312 21.75 -8.15 -9.57
CA HIS C 312 21.19 -8.49 -10.88
C HIS C 312 21.78 -9.78 -11.46
N SER C 313 22.80 -10.34 -10.83
CA SER C 313 23.39 -11.60 -11.27
C SER C 313 22.66 -12.82 -10.70
N CYS C 314 21.66 -12.61 -9.86
CA CYS C 314 20.86 -13.70 -9.29
C CYS C 314 19.41 -13.25 -9.27
N LYS C 315 18.57 -14.01 -8.56
CA LYS C 315 17.15 -13.71 -8.47
C LYS C 315 16.74 -13.62 -7.00
N VAL C 316 15.90 -12.65 -6.69
CA VAL C 316 15.41 -12.42 -5.34
C VAL C 316 14.22 -13.35 -5.12
N LYS C 317 14.27 -14.15 -4.06
CA LYS C 317 13.19 -15.10 -3.77
C LYS C 317 12.54 -14.76 -2.43
N ILE C 318 11.21 -14.79 -2.41
CA ILE C 318 10.42 -14.44 -1.23
C ILE C 318 9.80 -15.71 -0.66
N VAL C 319 9.87 -15.86 0.66
CA VAL C 319 9.27 -16.95 1.40
C VAL C 319 8.32 -16.35 2.42
N PRO C 320 7.02 -16.71 2.41
CA PRO C 320 6.08 -16.23 3.42
C PRO C 320 6.31 -16.86 4.79
ZN ZN D . 8.27 5.17 7.68
PG ATP E . -19.93 5.80 14.77
O1G ATP E . -21.05 6.77 14.66
O2G ATP E . -19.13 5.93 16.06
O3G ATP E . -20.36 4.34 14.60
PB ATP E . -18.78 6.40 12.05
O1B ATP E . -19.97 7.14 11.60
O2B ATP E . -18.52 5.10 11.29
O3B ATP E . -18.84 6.04 13.60
PA ATP E . -17.05 8.82 12.09
O1A ATP E . -17.53 9.42 13.35
O2A ATP E . -17.52 9.51 10.81
O3A ATP E . -17.44 7.27 11.98
O5' ATP E . -15.47 8.78 12.07
C5' ATP E . -14.73 8.73 10.83
C4' ATP E . -13.70 7.63 10.94
O4' ATP E . -12.38 8.18 10.79
C3' ATP E . -13.65 6.93 12.30
O3' ATP E . -14.65 5.91 12.39
C2' ATP E . -12.24 6.33 12.29
O2' ATP E . -12.23 5.02 11.73
C1' ATP E . -11.45 7.30 11.39
N9 ATP E . -10.43 8.09 12.08
C8 ATP E . -9.08 8.07 11.83
N7 ATP E . -8.38 8.88 12.58
C5 ATP E . -9.34 9.48 13.39
C6 ATP E . -9.25 10.44 14.41
N6 ATP E . -8.10 11.00 14.82
N1 ATP E . -10.40 10.83 15.01
C2 ATP E . -11.55 10.28 14.62
N3 ATP E . -11.76 9.37 13.66
C4 ATP E . -10.60 9.01 13.08
#